data_2J0L
#
_entry.id   2J0L
#
_cell.length_a   44.312
_cell.length_b   71.809
_cell.length_c   86.939
_cell.angle_alpha   90.00
_cell.angle_beta   90.00
_cell.angle_gamma   90.00
#
_symmetry.space_group_name_H-M   'P 21 21 21'
#
loop_
_entity.id
_entity.type
_entity.pdbx_description
1 polymer 'FOCAL ADHESION KINASE 1'
2 non-polymer 'SULFATE ION'
3 non-polymer 'MAGNESIUM ION'
4 non-polymer 'PHOSPHOAMINOPHOSPHONIC ACID-ADENYLATE ESTER'
5 water water
#
_entity_poly.entity_id   1
_entity_poly.type   'polypeptide(L)'
_entity_poly.pdbx_seq_one_letter_code
;STRDYEIQRERIELGRCIGEGQFGDVHQGIYMSPENPAMAVAIKTCKNCTSDSVREKFLQEALTMRQFDHPHIVKLIGVI
TENPVWIIMELCTLGELRSFLQVRKFSLDLASLILYAYQLSTALAYLESKRFVHRDIAARNVLVSSNDCVKLGDFGLSRY
MEDST(PTR)(PTR)KASKGKLPIKWMAPESINFRRFTSASDVWMFGVCMWEILMHGVKPFQGVKNNDVIGRIENGERLP
MPPNCPPTLYSLMTKCWAYDPSRRPRFTELKAQLSTILEEEKLQ
;
_entity_poly.pdbx_strand_id   A
#
loop_
_chem_comp.id
_chem_comp.type
_chem_comp.name
_chem_comp.formula
ANP non-polymer 'PHOSPHOAMINOPHOSPHONIC ACID-ADENYLATE ESTER' 'C10 H17 N6 O12 P3'
MG non-polymer 'MAGNESIUM ION' 'Mg 2'
SO4 non-polymer 'SULFATE ION' 'O4 S -2'
#
# COMPACT_ATOMS: atom_id res chain seq x y z
N SER A 1 -19.82 21.48 -13.93
CA SER A 1 -18.61 20.69 -13.58
C SER A 1 -18.81 19.21 -13.91
N THR A 2 -18.01 18.36 -13.25
CA THR A 2 -18.09 16.88 -13.26
C THR A 2 -16.88 16.24 -13.94
N ARG A 3 -16.02 15.62 -13.13
CA ARG A 3 -14.80 15.02 -13.63
C ARG A 3 -15.09 13.77 -14.46
N ASP A 4 -14.63 13.79 -15.72
CA ASP A 4 -14.79 12.70 -16.65
C ASP A 4 -13.49 11.92 -16.75
N TYR A 5 -13.53 10.67 -16.31
CA TYR A 5 -12.33 9.80 -16.26
C TYR A 5 -12.07 9.02 -17.54
N GLU A 6 -13.02 9.01 -18.47
CA GLU A 6 -12.85 8.28 -19.72
C GLU A 6 -11.82 8.95 -20.61
N ILE A 7 -10.70 8.26 -20.82
CA ILE A 7 -9.62 8.76 -21.65
C ILE A 7 -9.71 8.17 -23.07
N GLN A 8 -9.09 8.85 -24.02
CA GLN A 8 -9.04 8.39 -25.41
C GLN A 8 -7.71 7.72 -25.67
N ARG A 9 -7.76 6.55 -26.31
CA ARG A 9 -6.54 5.75 -26.53
C ARG A 9 -5.46 6.45 -27.34
N GLU A 10 -5.86 7.42 -28.17
CA GLU A 10 -4.93 8.21 -28.98
C GLU A 10 -4.03 9.07 -28.13
N ARG A 11 -4.52 9.41 -26.94
CA ARG A 11 -3.76 10.21 -25.98
C ARG A 11 -2.73 9.38 -25.21
N ILE A 12 -2.80 8.06 -25.37
CA ILE A 12 -1.88 7.15 -24.70
C ILE A 12 -0.90 6.50 -25.67
N GLU A 13 0.39 6.56 -25.34
CA GLU A 13 1.42 5.76 -26.02
C GLU A 13 1.87 4.62 -25.09
N LEU A 14 1.65 3.38 -25.54
CA LEU A 14 1.96 2.20 -24.73
C LEU A 14 3.45 1.91 -24.78
N GLY A 15 4.09 1.87 -23.61
CA GLY A 15 5.53 1.58 -23.52
C GLY A 15 5.76 0.17 -23.01
N ARG A 16 6.95 -0.08 -22.47
CA ARG A 16 7.36 -1.41 -22.06
C ARG A 16 6.62 -1.93 -20.81
N CYS A 17 6.60 -3.24 -20.66
CA CYS A 17 6.07 -3.90 -19.47
C CYS A 17 6.95 -3.67 -18.23
N ILE A 18 6.34 -3.15 -17.15
CA ILE A 18 7.08 -2.83 -15.93
C ILE A 18 6.73 -3.72 -14.74
N GLY A 19 5.68 -4.54 -14.93
CA GLY A 19 5.30 -5.50 -13.92
C GLY A 19 4.11 -6.33 -14.34
N GLU A 20 3.56 -7.04 -13.37
CA GLU A 20 2.40 -7.91 -13.56
C GLU A 20 1.43 -7.68 -12.42
N GLY A 21 0.15 -7.56 -12.76
CA GLY A 21 -0.92 -7.55 -11.77
C GLY A 21 -1.69 -8.85 -11.88
N GLN A 22 -2.74 -8.98 -11.07
CA GLN A 22 -3.58 -10.18 -11.07
CA GLN A 22 -3.58 -10.18 -11.07
C GLN A 22 -4.35 -10.36 -12.38
N PHE A 23 -4.65 -9.26 -13.05
CA PHE A 23 -5.46 -9.28 -14.28
C PHE A 23 -4.62 -9.22 -15.57
N GLY A 24 -3.33 -8.94 -15.44
CA GLY A 24 -2.44 -8.81 -16.59
C GLY A 24 -1.19 -7.98 -16.38
N ASP A 25 -0.46 -7.75 -17.46
CA ASP A 25 0.74 -6.92 -17.45
C ASP A 25 0.43 -5.45 -17.17
N VAL A 26 1.36 -4.81 -16.46
CA VAL A 26 1.32 -3.39 -16.22
C VAL A 26 2.43 -2.82 -17.09
N HIS A 27 2.14 -1.74 -17.79
CA HIS A 27 3.11 -1.08 -18.65
C HIS A 27 3.36 0.34 -18.17
N GLN A 28 4.54 0.85 -18.47
CA GLN A 28 4.72 2.29 -18.45
C GLN A 28 4.27 2.81 -19.82
N GLY A 29 4.06 4.12 -19.91
CA GLY A 29 3.62 4.76 -21.12
C GLY A 29 3.63 6.26 -20.97
N ILE A 30 3.01 6.94 -21.93
CA ILE A 30 2.89 8.40 -21.94
C ILE A 30 1.44 8.76 -22.21
N TYR A 31 0.96 9.75 -21.46
CA TYR A 31 -0.36 10.37 -21.64
C TYR A 31 -0.15 11.80 -22.17
N MET A 32 -0.80 12.12 -23.30
CA MET A 32 -0.49 13.36 -24.03
C MET A 32 -1.64 14.37 -24.09
N SER A 33 -1.29 15.61 -24.41
CA SER A 33 -2.25 16.69 -24.67
C SER A 33 -1.71 17.64 -25.74
N PRO A 34 -2.58 18.49 -26.32
CA PRO A 34 -2.07 19.65 -27.06
C PRO A 34 -1.43 20.70 -26.14
N GLU A 35 -1.86 20.70 -24.86
CA GLU A 35 -1.35 21.63 -23.86
C GLU A 35 -1.35 20.94 -22.51
N ASN A 36 -0.56 21.44 -21.56
CA ASN A 36 -0.27 20.75 -20.30
C ASN A 36 0.09 19.25 -20.47
N PRO A 37 1.14 18.96 -21.28
CA PRO A 37 1.31 17.60 -21.81
C PRO A 37 2.36 16.66 -21.13
N ALA A 38 3.05 15.90 -21.98
CA ALA A 38 3.93 14.75 -21.68
C ALA A 38 4.00 14.19 -20.25
N MET A 39 2.98 13.40 -19.89
CA MET A 39 2.90 12.82 -18.57
C MET A 39 3.15 11.30 -18.57
N ALA A 40 4.20 10.86 -17.88
CA ALA A 40 4.49 9.44 -17.72
C ALA A 40 3.42 8.78 -16.86
N VAL A 41 2.91 7.65 -17.33
CA VAL A 41 1.84 6.94 -16.63
C VAL A 41 2.14 5.45 -16.56
N ALA A 42 1.48 4.79 -15.60
CA ALA A 42 1.37 3.35 -15.54
C ALA A 42 0.03 2.94 -16.12
N ILE A 43 0.04 1.83 -16.84
CA ILE A 43 -1.14 1.31 -17.50
C ILE A 43 -1.32 -0.14 -17.12
N LYS A 44 -2.35 -0.42 -16.32
CA LYS A 44 -2.75 -1.78 -16.02
C LYS A 44 -3.61 -2.31 -17.16
N THR A 45 -3.25 -3.47 -17.68
CA THR A 45 -4.05 -4.13 -18.71
C THR A 45 -4.82 -5.32 -18.10
N CYS A 46 -5.79 -5.83 -18.85
CA CYS A 46 -6.66 -6.89 -18.36
C CYS A 46 -6.81 -7.99 -19.40
N LYS A 47 -6.23 -9.16 -19.12
CA LYS A 47 -6.23 -10.28 -20.07
C LYS A 47 -7.60 -10.60 -20.68
N ASN A 48 -8.60 -10.83 -19.83
CA ASN A 48 -9.92 -11.26 -20.31
C ASN A 48 -11.02 -10.21 -20.12
N CYS A 49 -10.81 -9.03 -20.69
CA CYS A 49 -11.72 -7.91 -20.48
C CYS A 49 -13.02 -7.99 -21.28
N THR A 50 -13.17 -9.02 -22.10
CA THR A 50 -14.44 -9.29 -22.78
C THR A 50 -15.52 -9.84 -21.83
N SER A 51 -15.12 -10.58 -20.80
CA SER A 51 -16.06 -11.09 -19.78
C SER A 51 -16.54 -9.97 -18.86
N ASP A 52 -17.85 -9.82 -18.74
CA ASP A 52 -18.42 -8.80 -17.85
C ASP A 52 -17.89 -8.94 -16.43
N SER A 53 -17.76 -10.18 -15.95
CA SER A 53 -17.38 -10.43 -14.56
C SER A 53 -15.92 -10.05 -14.28
N VAL A 54 -15.02 -10.50 -15.15
CA VAL A 54 -13.61 -10.11 -15.08
C VAL A 54 -13.44 -8.59 -15.23
N ARG A 55 -14.13 -8.00 -16.21
CA ARG A 55 -14.08 -6.57 -16.44
C ARG A 55 -14.55 -5.77 -15.22
N GLU A 56 -15.65 -6.22 -14.61
CA GLU A 56 -16.19 -5.58 -13.40
C GLU A 56 -15.18 -5.58 -12.25
N LYS A 57 -14.56 -6.74 -11.97
CA LYS A 57 -13.60 -6.87 -10.88
C LYS A 57 -12.38 -5.99 -11.09
N PHE A 58 -11.92 -5.92 -12.34
CA PHE A 58 -10.76 -5.16 -12.72
C PHE A 58 -10.99 -3.65 -12.56
N LEU A 59 -12.12 -3.16 -13.09
CA LEU A 59 -12.41 -1.73 -13.07
C LEU A 59 -12.78 -1.21 -11.68
N GLN A 60 -13.00 -2.12 -10.74
CA GLN A 60 -13.36 -1.77 -9.37
C GLN A 60 -12.27 -1.02 -8.62
N GLU A 61 -11.00 -1.39 -8.84
CA GLU A 61 -9.88 -0.65 -8.27
C GLU A 61 -9.97 0.81 -8.66
N ALA A 62 -10.24 1.03 -9.96
CA ALA A 62 -10.41 2.38 -10.53
C ALA A 62 -11.59 3.10 -9.88
N LEU A 63 -12.71 2.40 -9.72
CA LEU A 63 -13.88 2.95 -9.03
C LEU A 63 -13.53 3.39 -7.61
N THR A 64 -12.77 2.54 -6.90
CA THR A 64 -12.35 2.86 -5.53
C THR A 64 -11.39 4.05 -5.50
N MET A 65 -10.51 4.15 -6.50
CA MET A 65 -9.49 5.20 -6.54
C MET A 65 -9.98 6.60 -6.92
N ARG A 66 -11.10 6.69 -7.64
CA ARG A 66 -11.69 8.02 -7.95
C ARG A 66 -12.19 8.77 -6.71
N GLN A 67 -12.22 8.09 -5.56
CA GLN A 67 -12.64 8.72 -4.30
C GLN A 67 -11.52 9.44 -3.56
N PHE A 68 -10.28 9.11 -3.88
CA PHE A 68 -9.12 9.52 -3.09
C PHE A 68 -8.33 10.65 -3.77
N ASP A 69 -7.81 11.57 -2.96
CA ASP A 69 -6.93 12.63 -3.44
C ASP A 69 -5.93 12.93 -2.35
N HIS A 70 -4.77 12.31 -2.43
CA HIS A 70 -3.75 12.42 -1.40
C HIS A 70 -2.38 12.31 -2.02
N PRO A 71 -1.43 13.18 -1.59
CA PRO A 71 -0.04 13.13 -2.07
C PRO A 71 0.66 11.78 -1.95
N HIS A 72 0.18 10.92 -1.07
CA HIS A 72 0.89 9.65 -0.85
C HIS A 72 0.05 8.43 -1.13
N ILE A 73 -0.99 8.64 -1.94
CA ILE A 73 -1.80 7.57 -2.50
C ILE A 73 -1.70 7.72 -4.00
N VAL A 74 -1.38 6.61 -4.69
CA VAL A 74 -1.30 6.56 -6.14
C VAL A 74 -2.57 7.09 -6.79
N LYS A 75 -2.39 8.05 -7.71
CA LYS A 75 -3.46 8.82 -8.31
C LYS A 75 -4.05 8.11 -9.52
N LEU A 76 -5.38 8.06 -9.59
CA LEU A 76 -6.04 7.61 -10.83
C LEU A 76 -6.10 8.76 -11.87
N ILE A 77 -5.62 8.49 -13.08
CA ILE A 77 -5.68 9.44 -14.18
C ILE A 77 -6.93 9.23 -15.03
N GLY A 78 -7.27 7.97 -15.27
CA GLY A 78 -8.47 7.65 -16.03
C GLY A 78 -8.53 6.20 -16.43
N VAL A 79 -9.49 5.89 -17.29
CA VAL A 79 -9.70 4.52 -17.74
C VAL A 79 -10.06 4.56 -19.20
N ILE A 80 -9.73 3.49 -19.92
CA ILE A 80 -10.30 3.25 -21.24
C ILE A 80 -11.15 2.00 -21.11
N THR A 81 -12.43 2.14 -21.40
CA THR A 81 -13.41 1.11 -21.11
C THR A 81 -13.77 0.29 -22.34
N GLU A 82 -13.41 0.80 -23.50
CA GLU A 82 -13.48 0.03 -24.71
C GLU A 82 -12.37 -0.99 -24.67
N ASN A 83 -12.59 -2.12 -25.32
CA ASN A 83 -11.59 -3.19 -25.34
C ASN A 83 -10.45 -2.83 -26.30
N PRO A 84 -9.17 -3.09 -25.92
CA PRO A 84 -8.68 -3.57 -24.60
C PRO A 84 -8.78 -2.55 -23.47
N VAL A 85 -9.29 -3.01 -22.33
CA VAL A 85 -9.59 -2.16 -21.18
C VAL A 85 -8.33 -1.83 -20.37
N TRP A 86 -8.11 -0.54 -20.13
CA TRP A 86 -6.92 -0.06 -19.43
C TRP A 86 -7.27 0.81 -18.22
N ILE A 87 -6.44 0.73 -17.19
CA ILE A 87 -6.50 1.65 -16.06
C ILE A 87 -5.23 2.50 -16.11
N ILE A 88 -5.39 3.81 -16.09
CA ILE A 88 -4.28 4.75 -16.23
C ILE A 88 -4.02 5.43 -14.90
N MET A 89 -2.79 5.34 -14.42
CA MET A 89 -2.44 5.98 -13.16
C MET A 89 -1.14 6.75 -13.27
N GLU A 90 -0.84 7.56 -12.25
CA GLU A 90 0.45 8.24 -12.23
C GLU A 90 1.54 7.17 -12.07
N LEU A 91 2.59 7.29 -12.88
CA LEU A 91 3.73 6.40 -12.80
C LEU A 91 4.53 6.71 -11.54
N CYS A 92 4.82 5.69 -10.75
CA CYS A 92 5.82 5.80 -9.70
C CYS A 92 7.11 5.23 -10.26
N THR A 93 7.95 6.13 -10.79
CA THR A 93 9.06 5.79 -11.69
C THR A 93 10.17 4.94 -11.08
N LEU A 94 10.40 5.05 -9.79
CA LEU A 94 11.42 4.22 -9.15
C LEU A 94 10.95 2.81 -8.73
N GLY A 95 9.66 2.54 -8.90
CA GLY A 95 9.10 1.19 -8.75
C GLY A 95 8.76 0.74 -7.33
N GLU A 96 8.84 -0.57 -7.11
CA GLU A 96 8.47 -1.22 -5.84
C GLU A 96 9.46 -0.87 -4.73
N LEU A 97 8.93 -0.70 -3.51
CA LEU A 97 9.73 -0.32 -2.34
C LEU A 97 10.78 -1.36 -1.93
N ARG A 98 10.37 -2.63 -1.90
CA ARG A 98 11.26 -3.74 -1.53
C ARG A 98 12.55 -3.74 -2.37
N SER A 99 12.40 -3.77 -3.69
CA SER A 99 13.53 -3.69 -4.64
C SER A 99 14.40 -2.46 -4.42
N PHE A 100 13.76 -1.31 -4.28
CA PHE A 100 14.40 -0.04 -4.07
C PHE A 100 15.32 -0.06 -2.84
N LEU A 101 14.78 -0.51 -1.71
CA LEU A 101 15.52 -0.56 -0.45
C LEU A 101 16.72 -1.50 -0.48
N GLN A 102 16.58 -2.62 -1.18
CA GLN A 102 17.59 -3.68 -1.23
C GLN A 102 18.79 -3.21 -2.03
N VAL A 103 18.52 -2.31 -2.97
CA VAL A 103 19.49 -1.87 -3.95
C VAL A 103 20.09 -0.52 -3.54
N ARG A 104 19.25 0.40 -3.06
CA ARG A 104 19.71 1.75 -2.68
C ARG A 104 20.21 1.80 -1.23
N LYS A 105 20.30 0.64 -0.59
CA LYS A 105 20.79 0.53 0.81
C LYS A 105 21.93 1.48 1.22
N PHE A 106 22.98 1.58 0.41
CA PHE A 106 24.16 2.37 0.78
C PHE A 106 24.07 3.84 0.39
N SER A 107 22.92 4.22 -0.17
CA SER A 107 22.66 5.60 -0.57
C SER A 107 21.57 6.24 0.33
N LEU A 108 20.98 5.45 1.22
CA LEU A 108 19.95 5.92 2.14
C LEU A 108 20.37 5.80 3.60
N ASP A 109 19.97 6.76 4.43
CA ASP A 109 20.24 6.70 5.86
C ASP A 109 18.95 6.43 6.62
N LEU A 110 19.03 6.48 7.95
CA LEU A 110 17.89 6.14 8.81
C LEU A 110 16.71 7.10 8.69
N ALA A 111 17.01 8.38 8.51
CA ALA A 111 16.01 9.42 8.37
C ALA A 111 15.12 9.24 7.14
N SER A 112 15.69 8.70 6.07
CA SER A 112 14.90 8.39 4.86
C SER A 112 13.93 7.25 5.11
N LEU A 113 14.33 6.27 5.93
CA LEU A 113 13.45 5.15 6.25
C LEU A 113 12.25 5.56 7.09
N ILE A 114 12.49 6.40 8.09
CA ILE A 114 11.43 6.94 8.95
C ILE A 114 10.50 7.88 8.17
N LEU A 115 11.07 8.63 7.23
CA LEU A 115 10.27 9.46 6.33
C LEU A 115 9.27 8.63 5.52
N TYR A 116 9.70 7.51 4.96
CA TYR A 116 8.82 6.68 4.15
C TYR A 116 7.68 6.15 5.00
N ALA A 117 8.02 5.71 6.22
CA ALA A 117 7.04 5.25 7.18
C ALA A 117 6.05 6.36 7.56
N TYR A 118 6.58 7.54 7.81
CA TYR A 118 5.76 8.72 8.06
C TYR A 118 4.81 9.07 6.91
N GLN A 119 5.32 9.08 5.69
CA GLN A 119 4.50 9.36 4.50
C GLN A 119 3.34 8.37 4.35
N LEU A 120 3.63 7.10 4.58
CA LEU A 120 2.60 6.07 4.53
C LEU A 120 1.57 6.26 5.63
N SER A 121 2.01 6.69 6.82
CA SER A 121 1.07 6.96 7.93
C SER A 121 0.10 8.12 7.60
N THR A 122 0.52 9.07 6.79
CA THR A 122 -0.38 10.15 6.37
C THR A 122 -1.44 9.66 5.38
N ALA A 123 -1.05 8.79 4.46
CA ALA A 123 -1.97 8.16 3.52
C ALA A 123 -3.00 7.28 4.28
N LEU A 124 -2.53 6.58 5.30
CA LEU A 124 -3.41 5.72 6.10
C LEU A 124 -4.32 6.47 7.10
N ALA A 125 -3.85 7.54 7.73
CA ALA A 125 -4.74 8.41 8.51
C ALA A 125 -5.82 9.05 7.60
N TYR A 126 -5.46 9.35 6.36
CA TYR A 126 -6.42 9.82 5.37
C TYR A 126 -7.54 8.80 5.11
N LEU A 127 -7.15 7.56 4.80
CA LEU A 127 -8.10 6.46 4.61
C LEU A 127 -8.93 6.19 5.86
N GLU A 128 -8.28 6.27 7.02
CA GLU A 128 -8.94 6.06 8.31
C GLU A 128 -10.06 7.06 8.54
N SER A 129 -9.84 8.32 8.15
CA SER A 129 -10.84 9.37 8.31
C SER A 129 -12.00 9.22 7.32
N LYS A 130 -11.77 8.52 6.21
CA LYS A 130 -12.80 8.27 5.19
C LYS A 130 -13.47 6.92 5.41
N ARG A 131 -13.13 6.26 6.52
CA ARG A 131 -13.66 4.95 6.90
C ARG A 131 -13.33 3.91 5.84
N PHE A 132 -12.14 4.03 5.27
CA PHE A 132 -11.65 3.08 4.29
C PHE A 132 -10.60 2.18 4.88
N VAL A 133 -10.79 0.88 4.69
CA VAL A 133 -9.86 -0.16 5.12
C VAL A 133 -9.15 -0.71 3.89
N HIS A 134 -7.82 -0.74 3.94
CA HIS A 134 -6.97 -1.19 2.84
C HIS A 134 -6.89 -2.71 2.73
N ARG A 135 -6.52 -3.38 3.83
CA ARG A 135 -6.47 -4.85 3.93
C ARG A 135 -5.25 -5.53 3.30
N ASP A 136 -4.42 -4.78 2.58
CA ASP A 136 -3.22 -5.35 1.96
C ASP A 136 -1.99 -4.44 2.15
N ILE A 137 -1.85 -3.89 3.34
CA ILE A 137 -0.70 -3.06 3.66
C ILE A 137 0.56 -3.91 3.86
N ALA A 138 1.52 -3.71 2.97
CA ALA A 138 2.77 -4.46 2.93
C ALA A 138 3.71 -3.69 2.02
N ALA A 139 5.01 -3.78 2.27
CA ALA A 139 5.97 -3.02 1.47
C ALA A 139 5.90 -3.34 -0.02
N ARG A 140 5.44 -4.56 -0.34
CA ARG A 140 5.25 -5.01 -1.74
C ARG A 140 4.27 -4.12 -2.50
N ASN A 141 3.39 -3.45 -1.77
CA ASN A 141 2.36 -2.61 -2.38
C ASN A 141 2.63 -1.12 -2.18
N VAL A 142 3.86 -0.80 -1.78
CA VAL A 142 4.31 0.58 -1.68
C VAL A 142 5.24 0.85 -2.83
N LEU A 143 5.02 1.99 -3.48
CA LEU A 143 5.76 2.36 -4.68
C LEU A 143 6.51 3.66 -4.46
N VAL A 144 7.55 3.87 -5.26
CA VAL A 144 8.48 4.95 -5.04
C VAL A 144 8.34 5.96 -6.18
N SER A 145 7.95 7.17 -5.84
CA SER A 145 7.84 8.29 -6.78
C SER A 145 9.17 8.93 -7.03
N SER A 146 9.86 9.19 -5.92
CA SER A 146 11.20 9.73 -5.93
C SER A 146 11.91 9.32 -4.64
N ASN A 147 13.18 9.68 -4.54
CA ASN A 147 14.01 9.34 -3.39
C ASN A 147 13.46 9.79 -2.05
N ASP A 148 12.66 10.84 -2.06
CA ASP A 148 12.09 11.37 -0.83
C ASP A 148 10.57 11.23 -0.78
N CYS A 149 10.01 10.25 -1.52
CA CYS A 149 8.54 10.16 -1.67
C CYS A 149 8.03 8.79 -2.07
N VAL A 150 7.31 8.13 -1.15
CA VAL A 150 6.63 6.85 -1.45
C VAL A 150 5.11 7.04 -1.52
N LYS A 151 4.42 6.10 -2.16
CA LYS A 151 2.94 6.12 -2.30
C LYS A 151 2.35 4.74 -2.13
N LEU A 152 1.23 4.67 -1.41
CA LEU A 152 0.46 3.45 -1.22
C LEU A 152 -0.32 3.23 -2.51
N GLY A 153 -0.25 2.01 -3.03
CA GLY A 153 -1.12 1.57 -4.10
C GLY A 153 -1.87 0.30 -3.72
N ASP A 154 -2.21 -0.48 -4.73
CA ASP A 154 -2.99 -1.72 -4.61
C ASP A 154 -4.29 -1.55 -3.83
N PHE A 155 -5.32 -1.08 -4.53
CA PHE A 155 -6.64 -0.93 -3.94
C PHE A 155 -7.64 -1.97 -4.49
N GLY A 156 -7.13 -3.15 -4.79
CA GLY A 156 -7.97 -4.28 -5.21
C GLY A 156 -8.79 -4.87 -4.07
N LEU A 157 -8.20 -4.91 -2.88
CA LEU A 157 -8.86 -5.46 -1.68
C LEU A 157 -9.54 -4.42 -0.78
N SER A 158 -9.42 -3.14 -1.14
CA SER A 158 -9.86 -2.02 -0.30
C SER A 158 -11.39 -1.87 -0.27
N ARG A 159 -11.93 -1.72 0.95
CA ARG A 159 -13.38 -1.61 1.15
C ARG A 159 -13.78 -0.43 2.04
N TYR A 160 -14.94 0.15 1.72
CA TYR A 160 -15.51 1.24 2.50
C TYR A 160 -16.36 0.62 3.61
N MET A 161 -15.96 0.91 4.85
CA MET A 161 -16.76 0.55 6.00
C MET A 161 -17.89 1.56 6.17
N GLU A 162 -19.12 1.07 6.32
CA GLU A 162 -20.22 1.91 6.78
C GLU A 162 -19.94 2.26 8.24
N ASP A 163 -18.64 2.27 8.57
CA ASP A 163 -18.09 2.33 9.93
C ASP A 163 -18.51 1.16 10.82
N SER A 164 -19.53 0.42 10.38
CA SER A 164 -20.11 -0.67 11.17
C SER A 164 -19.22 -1.91 11.21
N THR A 165 -18.43 -1.99 12.30
CA THR A 165 -17.66 -3.20 12.66
C THR A 165 -16.65 -3.67 11.58
N PTR A 166 -16.94 -4.81 10.96
CA PTR A 166 -15.99 -5.52 10.12
C PTR A 166 -16.11 -5.35 8.59
O PTR A 166 -16.89 -4.55 8.08
CB PTR A 166 -15.96 -6.99 10.52
CG PTR A 166 -17.31 -7.55 10.89
CD1 PTR A 166 -18.02 -8.33 10.00
CD2 PTR A 166 -17.88 -7.27 12.12
CE1 PTR A 166 -19.27 -8.83 10.32
CE2 PTR A 166 -19.12 -7.77 12.46
CZ PTR A 166 -19.81 -8.54 11.55
OH PTR A 166 -20.93 -9.00 11.82
P PTR A 166 -21.84 -8.30 12.95
O1P PTR A 166 -21.54 -6.86 13.00
O2P PTR A 166 -21.51 -8.88 14.32
O3P PTR A 166 -23.32 -8.58 12.61
N PTR A 167 -15.30 -6.12 7.87
CA PTR A 167 -15.56 -6.56 6.50
C PTR A 167 -15.63 -8.11 6.49
O PTR A 167 -15.23 -8.76 7.46
CB PTR A 167 -14.53 -6.01 5.50
CG PTR A 167 -14.72 -6.51 4.09
CD1 PTR A 167 -13.83 -7.42 3.52
CD2 PTR A 167 -15.83 -6.11 3.33
CE1 PTR A 167 -14.02 -7.89 2.24
CE2 PTR A 167 -16.02 -6.58 2.04
CZ PTR A 167 -15.12 -7.47 1.49
OH PTR A 167 -15.30 -7.89 0.34
P PTR A 167 -15.14 -9.42 -0.13
O1P PTR A 167 -15.92 -9.59 -1.38
O2P PTR A 167 -15.70 -10.36 0.96
O3P PTR A 167 -13.67 -9.78 -0.41
N LYS A 168 -16.17 -8.68 5.41
CA LYS A 168 -16.29 -10.13 5.23
C LYS A 168 -15.03 -10.77 4.62
N ALA A 169 -15.23 -11.81 3.82
CA ALA A 169 -14.14 -12.51 3.12
C ALA A 169 -14.64 -13.20 1.85
N SER A 170 -13.79 -13.24 0.83
CA SER A 170 -14.12 -13.88 -0.44
C SER A 170 -13.16 -15.03 -0.76
N LYS A 171 -12.06 -14.72 -1.45
CA LYS A 171 -11.06 -15.73 -1.84
C LYS A 171 -9.67 -15.12 -2.03
N GLY A 172 -8.64 -16.00 -1.93
CA GLY A 172 -7.25 -15.58 -2.13
C GLY A 172 -6.29 -16.17 -1.10
N LYS A 173 -5.07 -16.46 -1.54
CA LYS A 173 -4.02 -16.99 -0.65
C LYS A 173 -3.53 -15.90 0.29
N LEU A 174 -4.04 -15.94 1.53
CA LEU A 174 -3.92 -14.88 2.52
C LEU A 174 -2.47 -14.64 2.98
N PRO A 175 -2.04 -13.36 2.97
CA PRO A 175 -0.71 -12.99 3.47
C PRO A 175 -0.69 -13.00 4.99
N ILE A 176 -0.74 -14.23 5.54
CA ILE A 176 -0.89 -14.50 6.97
C ILE A 176 0.09 -13.73 7.85
N LYS A 177 1.33 -13.62 7.40
CA LYS A 177 2.40 -13.02 8.21
C LYS A 177 2.28 -11.51 8.41
N TRP A 178 1.45 -10.84 7.59
CA TRP A 178 1.17 -9.43 7.77
C TRP A 178 -0.12 -9.18 8.57
N MET A 179 -0.93 -10.24 8.71
CA MET A 179 -2.31 -10.09 9.18
C MET A 179 -2.48 -10.03 10.69
N ALA A 180 -3.30 -9.09 11.15
CA ALA A 180 -3.82 -9.04 12.52
C ALA A 180 -4.49 -10.35 12.90
N PRO A 181 -4.43 -10.75 14.20
CA PRO A 181 -4.97 -12.04 14.61
C PRO A 181 -6.47 -12.17 14.40
N GLU A 182 -7.20 -11.07 14.56
CA GLU A 182 -8.65 -11.07 14.35
C GLU A 182 -9.03 -11.16 12.85
N SER A 183 -8.09 -10.82 11.97
CA SER A 183 -8.30 -10.98 10.53
C SER A 183 -8.09 -12.43 10.12
N ILE A 184 -7.10 -13.07 10.74
CA ILE A 184 -6.88 -14.51 10.57
C ILE A 184 -8.00 -15.34 11.23
N ASN A 185 -8.45 -14.91 12.40
CA ASN A 185 -9.42 -15.69 13.19
C ASN A 185 -10.89 -15.53 12.83
N PHE A 186 -11.27 -14.33 12.39
CA PHE A 186 -12.68 -14.00 12.23
C PHE A 186 -12.95 -13.42 10.85
N ARG A 187 -11.89 -13.35 10.03
CA ARG A 187 -11.92 -12.64 8.76
C ARG A 187 -12.39 -11.21 8.99
N ARG A 188 -11.96 -10.65 10.12
CA ARG A 188 -12.37 -9.31 10.53
C ARG A 188 -11.34 -8.27 10.12
N PHE A 189 -11.79 -7.27 9.37
CA PHE A 189 -10.91 -6.22 8.87
C PHE A 189 -11.41 -4.82 9.25
N THR A 190 -10.57 -4.09 9.98
CA THR A 190 -10.86 -2.71 10.40
C THR A 190 -9.60 -1.83 10.26
N SER A 191 -9.76 -0.54 10.53
CA SER A 191 -8.62 0.36 10.62
C SER A 191 -7.57 -0.13 11.62
N ALA A 192 -8.04 -0.69 12.73
CA ALA A 192 -7.14 -1.29 13.73
C ALA A 192 -6.31 -2.47 13.17
N SER A 193 -6.91 -3.32 12.35
CA SER A 193 -6.13 -4.38 11.71
C SER A 193 -5.19 -3.87 10.62
N ASP A 194 -5.54 -2.72 10.01
CA ASP A 194 -4.63 -2.01 9.10
C ASP A 194 -3.39 -1.54 9.87
N VAL A 195 -3.60 -1.03 11.08
CA VAL A 195 -2.51 -0.55 11.94
C VAL A 195 -1.52 -1.70 12.25
N TRP A 196 -2.05 -2.88 12.53
CA TRP A 196 -1.21 -4.05 12.76
C TRP A 196 -0.29 -4.26 11.57
N MET A 197 -0.86 -4.25 10.35
CA MET A 197 -0.11 -4.52 9.11
C MET A 197 0.93 -3.44 8.84
N PHE A 198 0.58 -2.19 9.12
CA PHE A 198 1.49 -1.07 9.00
C PHE A 198 2.72 -1.23 9.89
N GLY A 199 2.53 -1.80 11.08
CA GLY A 199 3.64 -2.09 11.97
C GLY A 199 4.60 -3.08 11.36
N VAL A 200 4.05 -4.13 10.74
CA VAL A 200 4.83 -5.10 9.99
C VAL A 200 5.52 -4.43 8.77
N CYS A 201 4.78 -3.59 8.05
CA CYS A 201 5.35 -2.82 6.95
C CYS A 201 6.53 -1.96 7.41
N MET A 202 6.38 -1.25 8.53
CA MET A 202 7.46 -0.42 9.11
C MET A 202 8.69 -1.25 9.42
N TRP A 203 8.46 -2.44 9.95
CA TRP A 203 9.53 -3.39 10.24
C TRP A 203 10.30 -3.73 8.96
N GLU A 204 9.56 -4.08 7.91
CA GLU A 204 10.09 -4.39 6.58
C GLU A 204 10.97 -3.26 6.06
N ILE A 205 10.46 -2.03 6.14
CA ILE A 205 11.17 -0.87 5.62
C ILE A 205 12.49 -0.75 6.39
N LEU A 206 12.42 -0.85 7.71
CA LEU A 206 13.60 -0.78 8.58
C LEU A 206 14.57 -1.95 8.38
N MET A 207 14.06 -3.09 7.92
CA MET A 207 14.90 -4.23 7.55
C MET A 207 15.35 -4.19 6.07
N HIS A 208 15.10 -3.06 5.40
CA HIS A 208 15.49 -2.85 4.00
C HIS A 208 14.88 -3.84 2.98
N GLY A 209 13.61 -4.18 3.21
CA GLY A 209 12.85 -5.01 2.28
C GLY A 209 13.04 -6.49 2.50
N VAL A 210 13.36 -6.85 3.73
CA VAL A 210 13.39 -8.25 4.17
C VAL A 210 11.99 -8.60 4.68
N LYS A 211 11.54 -9.81 4.37
CA LYS A 211 10.18 -10.26 4.71
C LYS A 211 10.06 -10.76 6.14
N PRO A 212 8.90 -10.51 6.78
CA PRO A 212 8.59 -10.97 8.13
C PRO A 212 8.49 -12.49 8.21
N PHE A 213 9.01 -13.06 9.30
CA PHE A 213 8.87 -14.49 9.62
C PHE A 213 9.29 -15.37 8.45
N GLN A 214 10.46 -15.08 7.88
CA GLN A 214 11.00 -15.90 6.81
C GLN A 214 11.44 -17.26 7.37
N GLY A 215 11.14 -18.33 6.62
CA GLY A 215 11.45 -19.69 7.06
C GLY A 215 10.46 -20.27 8.06
N VAL A 216 9.51 -19.45 8.49
CA VAL A 216 8.48 -19.87 9.47
C VAL A 216 7.18 -20.21 8.76
N LYS A 217 6.48 -21.22 9.25
CA LYS A 217 5.27 -21.70 8.60
C LYS A 217 4.05 -20.88 9.01
N ASN A 218 3.24 -20.51 8.01
CA ASN A 218 1.98 -19.77 8.21
C ASN A 218 1.14 -20.23 9.39
N ASN A 219 1.19 -21.51 9.70
CA ASN A 219 0.42 -22.05 10.83
C ASN A 219 1.17 -22.03 12.17
N ASP A 220 2.50 -21.94 12.12
CA ASP A 220 3.29 -21.78 13.34
C ASP A 220 3.26 -20.31 13.79
N VAL A 221 3.11 -19.40 12.83
CA VAL A 221 3.15 -17.96 13.10
C VAL A 221 1.97 -17.49 13.96
N ILE A 222 0.77 -17.96 13.65
CA ILE A 222 -0.44 -17.68 14.43
C ILE A 222 -0.21 -17.97 15.92
N GLY A 223 0.36 -19.14 16.20
CA GLY A 223 0.59 -19.61 17.56
C GLY A 223 1.68 -18.83 18.27
N ARG A 224 2.73 -18.48 17.54
CA ARG A 224 3.80 -17.63 18.07
C ARG A 224 3.26 -16.29 18.57
N ILE A 225 2.43 -15.67 17.73
CA ILE A 225 1.80 -14.38 18.03
C ILE A 225 0.88 -14.40 19.25
N GLU A 226 0.06 -15.44 19.37
CA GLU A 226 -0.80 -15.66 20.56
C GLU A 226 0.01 -15.80 21.85
N ASN A 227 1.11 -16.53 21.76
CA ASN A 227 1.98 -16.79 22.89
C ASN A 227 2.83 -15.56 23.23
N GLY A 228 2.63 -14.48 22.49
CA GLY A 228 3.21 -13.17 22.82
C GLY A 228 4.49 -12.78 22.09
N GLU A 229 4.93 -13.65 21.18
CA GLU A 229 6.14 -13.43 20.42
C GLU A 229 5.93 -12.37 19.34
N ARG A 230 6.92 -11.50 19.18
CA ARG A 230 6.88 -10.43 18.17
C ARG A 230 8.16 -10.40 17.35
N LEU A 231 8.06 -9.88 16.13
CA LEU A 231 9.24 -9.58 15.30
C LEU A 231 10.25 -8.72 16.08
N PRO A 232 11.56 -9.08 16.02
CA PRO A 232 12.63 -8.43 16.79
C PRO A 232 12.87 -6.98 16.36
N MET A 233 13.53 -6.20 17.22
CA MET A 233 13.92 -4.82 16.88
C MET A 233 14.94 -4.84 15.73
N PRO A 234 14.60 -4.19 14.61
CA PRO A 234 15.54 -4.13 13.49
C PRO A 234 16.88 -3.46 13.87
N PRO A 235 18.01 -3.97 13.33
CA PRO A 235 19.32 -3.32 13.46
C PRO A 235 19.25 -1.82 13.25
N ASN A 236 19.82 -1.05 14.18
CA ASN A 236 19.77 0.40 14.12
C ASN A 236 18.36 0.93 13.87
N CYS A 237 17.39 0.44 14.65
CA CYS A 237 16.10 1.09 14.78
C CYS A 237 16.10 1.77 16.14
N PRO A 238 15.63 3.03 16.23
CA PRO A 238 15.60 3.74 17.53
C PRO A 238 14.59 3.08 18.48
N PRO A 239 14.95 2.94 19.77
CA PRO A 239 14.06 2.32 20.75
C PRO A 239 12.64 2.88 20.73
N THR A 240 12.52 4.18 20.51
CA THR A 240 11.23 4.86 20.45
C THR A 240 10.36 4.38 19.27
N LEU A 241 11.01 4.09 18.14
CA LEU A 241 10.33 3.58 16.96
C LEU A 241 9.87 2.13 17.14
N TYR A 242 10.72 1.30 17.73
CA TYR A 242 10.34 -0.08 18.00
C TYR A 242 9.21 -0.17 19.02
N SER A 243 9.23 0.71 20.01
CA SER A 243 8.15 0.81 20.99
C SER A 243 6.83 1.09 20.28
N LEU A 244 6.89 2.01 19.32
CA LEU A 244 5.74 2.36 18.48
C LEU A 244 5.24 1.14 17.71
N MET A 245 6.16 0.35 17.15
CA MET A 245 5.81 -0.87 16.39
C MET A 245 5.08 -1.88 17.27
N THR A 246 5.61 -2.09 18.47
CA THR A 246 5.07 -3.07 19.40
C THR A 246 3.65 -2.72 19.85
N LYS A 247 3.36 -1.42 19.94
CA LYS A 247 2.00 -0.93 20.23
C LYS A 247 1.03 -1.23 19.09
N CYS A 248 1.56 -1.28 17.86
CA CYS A 248 0.77 -1.64 16.68
C CYS A 248 0.42 -3.11 16.75
N TRP A 249 1.25 -3.89 17.43
CA TRP A 249 1.06 -5.34 17.49
C TRP A 249 0.40 -5.80 18.80
N ALA A 250 -0.42 -4.93 19.38
CA ALA A 250 -1.20 -5.29 20.55
C ALA A 250 -2.30 -6.27 20.10
N TYR A 251 -2.36 -7.45 20.73
CA TYR A 251 -3.35 -8.46 20.36
C TYR A 251 -4.76 -7.90 20.34
N ASP A 252 -5.07 -7.06 21.33
CA ASP A 252 -6.34 -6.38 21.42
C ASP A 252 -6.32 -5.16 20.52
N PRO A 253 -7.17 -5.15 19.47
CA PRO A 253 -7.19 -4.06 18.49
C PRO A 253 -7.53 -2.69 19.09
N SER A 254 -8.23 -2.69 20.24
CA SER A 254 -8.57 -1.47 20.97
C SER A 254 -7.37 -0.82 21.64
N ARG A 255 -6.28 -1.57 21.81
CA ARG A 255 -5.06 -1.05 22.44
C ARG A 255 -4.09 -0.43 21.43
N ARG A 256 -4.32 -0.67 20.14
CA ARG A 256 -3.44 -0.20 19.09
C ARG A 256 -3.65 1.30 18.86
N PRO A 257 -2.56 2.04 18.58
CA PRO A 257 -2.74 3.45 18.24
C PRO A 257 -3.55 3.60 16.96
N ARG A 258 -4.30 4.70 16.85
CA ARG A 258 -4.91 5.09 15.58
C ARG A 258 -3.82 5.64 14.68
N PHE A 259 -4.08 5.66 13.37
CA PHE A 259 -3.13 6.23 12.42
C PHE A 259 -2.81 7.70 12.70
N THR A 260 -3.81 8.47 13.13
CA THR A 260 -3.65 9.90 13.43
C THR A 260 -2.60 10.15 14.52
N GLU A 261 -2.54 9.20 15.46
CA GLU A 261 -1.56 9.17 16.53
C GLU A 261 -0.18 8.77 16.00
N LEU A 262 -0.13 7.72 15.17
CA LEU A 262 1.12 7.22 14.58
C LEU A 262 1.81 8.26 13.74
N LYS A 263 1.00 8.96 12.93
CA LYS A 263 1.43 10.13 12.17
C LYS A 263 2.19 11.14 13.03
N ALA A 264 1.64 11.48 14.20
CA ALA A 264 2.23 12.49 15.11
C ALA A 264 3.51 12.01 15.80
N GLN A 265 3.56 10.73 16.14
CA GLN A 265 4.73 10.16 16.81
C GLN A 265 5.88 9.98 15.83
N LEU A 266 5.57 9.54 14.60
CA LEU A 266 6.60 9.38 13.57
C LEU A 266 7.20 10.73 13.21
N SER A 267 6.36 11.75 13.16
CA SER A 267 6.80 13.12 12.89
C SER A 267 7.82 13.57 13.94
N THR A 268 7.59 13.20 15.20
CA THR A 268 8.46 13.55 16.33
C THR A 268 9.77 12.75 16.31
N ILE A 269 9.66 11.44 16.04
CA ILE A 269 10.82 10.54 15.92
C ILE A 269 11.73 10.95 14.74
N LEU A 270 11.12 11.35 13.63
CA LEU A 270 11.85 11.84 12.46
C LEU A 270 12.69 13.10 12.76
N GLU A 271 12.11 14.06 13.47
CA GLU A 271 12.82 15.27 13.89
C GLU A 271 13.98 14.98 14.83
N GLU A 272 13.76 14.07 15.78
CA GLU A 272 14.82 13.67 16.72
C GLU A 272 15.99 13.00 15.99
N GLU A 273 15.68 12.16 15.00
CA GLU A 273 16.73 11.52 14.20
C GLU A 273 17.54 12.52 13.37
N LYS A 274 16.85 13.42 12.67
CA LYS A 274 17.50 14.48 11.88
C LYS A 274 18.27 15.46 12.77
N LEU A 275 17.76 15.69 13.98
CA LEU A 275 18.42 16.54 14.97
C LEU A 275 19.65 15.87 15.57
N GLN A 276 19.48 14.63 16.02
CA GLN A 276 20.57 13.85 16.59
C GLN A 276 21.04 12.76 15.62
S SO4 B . 12.12 -11.73 -2.99
O1 SO4 B . 12.72 -12.12 -4.28
O2 SO4 B . 10.68 -11.60 -3.14
O3 SO4 B . 12.42 -12.77 -1.99
O4 SO4 B . 12.70 -10.45 -2.56
MG MG C . -4.07 -6.63 -4.82
PG ANP D . -1.26 -8.06 -5.82
O1G ANP D . -0.14 -7.28 -4.94
O2G ANP D . -2.67 -7.80 -5.11
O3G ANP D . -0.97 -9.51 -5.82
PB ANP D . -2.28 -6.44 -8.01
O1B ANP D . -3.25 -5.86 -6.86
O2B ANP D . -3.12 -6.98 -9.11
N3B ANP D . -1.18 -7.50 -7.37
PA ANP D . -0.62 -4.04 -7.83
O1A ANP D . -0.06 -4.57 -6.42
O2A ANP D . -1.47 -2.84 -7.66
O3A ANP D . -1.41 -5.23 -8.61
O5' ANP D . 0.59 -3.80 -8.81
C5' ANP D . 1.37 -4.89 -9.30
C4' ANP D . 2.71 -4.39 -9.81
O4' ANP D . 2.44 -3.54 -10.95
C3' ANP D . 3.38 -3.48 -8.80
O3' ANP D . 4.21 -4.25 -7.93
C2' ANP D . 4.25 -2.60 -9.68
O2' ANP D . 5.40 -3.31 -10.12
C1' ANP D . 3.34 -2.37 -10.88
N9 ANP D . 2.59 -1.08 -10.73
C8 ANP D . 1.29 -0.95 -10.45
N7 ANP D . 0.97 0.34 -10.40
C5 ANP D . 2.07 1.04 -10.65
C6 ANP D . 2.36 2.39 -10.72
N6 ANP D . 1.41 3.29 -10.53
N1 ANP D . 3.61 2.78 -11.00
C2 ANP D . 4.57 1.90 -11.20
N3 ANP D . 4.33 0.58 -11.14
C4 ANP D . 3.11 0.13 -10.86
#